data_7N5R
#
_entry.id   7N5R
#
_cell.length_a   72.692
_cell.length_b   104.682
_cell.length_c   38.058
_cell.angle_alpha   90.000
_cell.angle_beta   90.000
_cell.angle_gamma   90.000
#
_symmetry.space_group_name_H-M   'P 21 21 2'
#
loop_
_entity.id
_entity.type
_entity.pdbx_description
1 polymer 'Tyrosine-protein kinase BTK'
2 non-polymer IMIDAZOLE
3 non-polymer 1,2-ETHANEDIOL
4 non-polymer 'DIMETHYL SULFOXIDE'
5 non-polymer 5-phenyl-2,4-dihydro-3H-1,2,4-triazol-3-one
6 water water
#
_entity_poly.entity_id   1
_entity_poly.type   'polypeptide(L)'
_entity_poly.pdbx_seq_one_letter_code
;GPLPGKNAPSTAGLGYGSWEIDPKDLTFLKELGTGQFGVVKYGKWRGQYDVAIKMIKEGSMSEDEFIEEAKVMMNLSHEK
LVQLYGVCTKQRPIFIITEYMANGCLLNYLREMRHRFQTQQLLEMCKDVCEAMEYLESKQFLHRDLAARNCLVNDQGVVK
VSDFGLSRYVLDDEYTSSVGSKFPVRWSPPEVLMYSKFSSKSDIWAFGVLMWEIYSLGKMPYERFTNSETAEHIAQGLRL
YRPHLASEKVYTIMYSCWHEKADERPTFKILLSNILDVMDEES
;
_entity_poly.pdbx_strand_id   A
#
loop_
_chem_comp.id
_chem_comp.type
_chem_comp.name
_chem_comp.formula
0UW non-polymer 5-phenyl-2,4-dihydro-3H-1,2,4-triazol-3-one 'C8 H7 N3 O'
DMS non-polymer 'DIMETHYL SULFOXIDE' 'C2 H6 O S'
EDO non-polymer 1,2-ETHANEDIOL 'C2 H6 O2'
IMD non-polymer IMIDAZOLE 'C3 H5 N2 1'
#
# COMPACT_ATOMS: atom_id res chain seq x y z
N GLY A 13 -29.31 5.98 -8.11
CA GLY A 13 -30.76 6.38 -8.09
C GLY A 13 -31.26 6.77 -6.69
N LEU A 14 -32.58 6.69 -6.50
CA LEU A 14 -33.32 7.46 -5.51
C LEU A 14 -32.67 7.49 -4.12
N GLY A 15 -32.50 6.33 -3.50
CA GLY A 15 -31.96 6.30 -2.16
C GLY A 15 -30.41 6.25 -2.07
N TYR A 16 -29.67 6.81 -3.06
CA TYR A 16 -28.22 6.62 -3.14
C TYR A 16 -27.48 7.92 -3.48
N GLY A 17 -26.48 8.26 -2.63
CA GLY A 17 -25.52 9.31 -2.92
C GLY A 17 -24.47 8.82 -3.92
N SER A 18 -23.60 9.73 -4.38
CA SER A 18 -22.64 9.43 -5.43
C SER A 18 -21.58 8.43 -4.94
N TRP A 19 -21.43 8.30 -3.62
CA TRP A 19 -20.42 7.43 -3.03
C TRP A 19 -21.00 6.05 -2.74
N GLU A 20 -22.29 5.85 -3.07
CA GLU A 20 -23.03 4.68 -2.60
C GLU A 20 -23.38 3.78 -3.79
N ILE A 21 -23.08 2.48 -3.65
CA ILE A 21 -23.41 1.49 -4.66
C ILE A 21 -24.57 0.65 -4.14
N ASP A 22 -25.50 0.31 -5.06
CA ASP A 22 -26.60 -0.59 -4.73
C ASP A 22 -26.06 -2.02 -4.69
N PRO A 23 -26.04 -2.72 -3.53
CA PRO A 23 -25.49 -4.07 -3.47
C PRO A 23 -26.27 -5.02 -4.38
N LYS A 24 -27.50 -4.65 -4.74
CA LYS A 24 -28.28 -5.53 -5.61
C LYS A 24 -27.72 -5.54 -7.02
N ASP A 25 -26.82 -4.60 -7.33
CA ASP A 25 -26.21 -4.55 -8.64
C ASP A 25 -24.97 -5.46 -8.70
N LEU A 26 -24.66 -6.19 -7.62
CA LEU A 26 -23.46 -7.05 -7.61
C LEU A 26 -23.80 -8.50 -7.89
N THR A 27 -22.94 -9.13 -8.68
CA THR A 27 -22.91 -10.57 -8.88
C THR A 27 -21.59 -11.10 -8.30
N PHE A 28 -21.66 -12.02 -7.34
CA PHE A 28 -20.47 -12.62 -6.73
C PHE A 28 -20.00 -13.83 -7.54
N LEU A 29 -18.69 -13.89 -7.85
CA LEU A 29 -18.17 -14.93 -8.73
C LEU A 29 -17.12 -15.81 -8.06
N LYS A 30 -16.22 -15.24 -7.24
CA LYS A 30 -15.08 -16.01 -6.73
C LYS A 30 -14.62 -15.45 -5.38
N GLU A 31 -14.18 -16.34 -4.48
CA GLU A 31 -13.56 -15.85 -3.24
C GLU A 31 -12.11 -15.47 -3.50
N LEU A 32 -11.67 -14.34 -2.93
CA LEU A 32 -10.30 -13.90 -3.15
C LEU A 32 -9.44 -14.07 -1.89
N GLY A 33 -10.07 -14.45 -0.77
CA GLY A 33 -9.35 -14.67 0.48
C GLY A 33 -9.79 -13.69 1.56
N THR A 34 -9.04 -13.68 2.68
CA THR A 34 -9.39 -12.88 3.84
C THR A 34 -8.28 -11.85 4.09
N GLY A 35 -8.71 -10.60 4.33
CA GLY A 35 -7.82 -9.55 4.79
C GLY A 35 -8.16 -9.14 6.21
N GLN A 36 -7.72 -7.95 6.60
CA GLN A 36 -7.81 -7.57 8.00
C GLN A 36 -9.23 -7.14 8.36
N PHE A 37 -10.01 -6.70 7.36
CA PHE A 37 -11.41 -6.39 7.60
C PHE A 37 -12.30 -7.58 7.23
N GLY A 38 -11.71 -8.68 6.77
CA GLY A 38 -12.46 -9.90 6.52
C GLY A 38 -12.42 -10.35 5.06
N VAL A 39 -13.56 -10.88 4.59
CA VAL A 39 -13.64 -11.59 3.31
C VAL A 39 -13.56 -10.60 2.15
N VAL A 40 -12.87 -11.00 1.08
CA VAL A 40 -12.83 -10.24 -0.15
C VAL A 40 -13.27 -11.14 -1.30
N LYS A 41 -14.12 -10.64 -2.21
CA LYS A 41 -14.60 -11.45 -3.31
C LYS A 41 -14.44 -10.72 -4.65
N TYR A 42 -14.37 -11.50 -5.75
CA TYR A 42 -14.42 -10.96 -7.10
C TYR A 42 -15.86 -11.07 -7.57
N GLY A 43 -16.33 -10.03 -8.24
CA GLY A 43 -17.67 -10.06 -8.82
C GLY A 43 -17.81 -9.10 -9.99
N LYS A 44 -19.06 -8.95 -10.46
CA LYS A 44 -19.37 -8.01 -11.52
C LYS A 44 -20.42 -7.04 -11.02
N TRP A 45 -20.33 -5.80 -11.50
CA TRP A 45 -21.33 -4.76 -11.23
C TRP A 45 -22.16 -4.58 -12.50
N ARG A 46 -23.49 -4.60 -12.33
CA ARG A 46 -24.44 -4.54 -13.44
C ARG A 46 -24.06 -5.48 -14.57
N GLY A 47 -23.70 -6.71 -14.20
CA GLY A 47 -23.52 -7.81 -15.12
C GLY A 47 -22.22 -7.77 -15.91
N GLN A 48 -21.51 -6.64 -15.90
CA GLN A 48 -20.49 -6.45 -16.91
C GLN A 48 -19.13 -6.03 -16.35
N TYR A 49 -19.11 -5.24 -15.28
CA TYR A 49 -17.90 -4.53 -14.87
C TYR A 49 -17.23 -5.25 -13.70
N ASP A 50 -15.97 -5.68 -13.90
CA ASP A 50 -15.26 -6.42 -12.87
C ASP A 50 -15.03 -5.53 -11.65
N VAL A 51 -15.26 -6.11 -10.45
CA VAL A 51 -15.04 -5.39 -9.21
C VAL A 51 -14.47 -6.33 -8.16
N ALA A 52 -13.77 -5.76 -7.17
CA ALA A 52 -13.49 -6.46 -5.92
C ALA A 52 -14.43 -5.94 -4.84
N ILE A 53 -14.93 -6.84 -4.00
CA ILE A 53 -15.92 -6.54 -2.97
C ILE A 53 -15.35 -6.95 -1.61
N LYS A 54 -15.09 -5.96 -0.75
CA LYS A 54 -14.61 -6.22 0.59
C LYS A 54 -15.79 -6.22 1.56
N MET A 55 -16.01 -7.34 2.28
CA MET A 55 -17.06 -7.41 3.28
C MET A 55 -16.49 -7.05 4.64
N ILE A 56 -16.87 -5.88 5.18
CA ILE A 56 -16.21 -5.32 6.36
C ILE A 56 -16.78 -5.96 7.63
N LYS A 57 -15.95 -6.78 8.28
CA LYS A 57 -16.34 -7.48 9.50
C LYS A 57 -16.82 -6.50 10.56
N GLU A 58 -17.95 -6.85 11.18
CA GLU A 58 -18.56 -6.05 12.25
C GLU A 58 -17.54 -5.78 13.35
N GLY A 59 -17.40 -4.49 13.70
CA GLY A 59 -16.53 -4.08 14.79
C GLY A 59 -15.07 -3.88 14.37
N SER A 60 -14.74 -4.07 13.08
CA SER A 60 -13.35 -3.93 12.66
C SER A 60 -13.03 -2.49 12.26
N MET A 61 -14.04 -1.67 11.95
CA MET A 61 -13.80 -0.39 11.30
C MET A 61 -14.64 0.71 11.94
N SER A 62 -14.08 1.92 12.04
CA SER A 62 -14.85 3.13 12.38
C SER A 62 -15.63 3.55 11.14
N GLU A 63 -16.86 3.04 11.00
CA GLU A 63 -17.54 3.02 9.72
C GLU A 63 -18.06 4.40 9.32
N ASP A 64 -18.61 5.18 10.25
CA ASP A 64 -19.13 6.48 9.86
C ASP A 64 -17.99 7.39 9.43
N GLU A 65 -16.86 7.36 10.17
CA GLU A 65 -15.68 8.10 9.74
C GLU A 65 -15.17 7.62 8.37
N PHE A 66 -15.11 6.30 8.16
CA PHE A 66 -14.64 5.82 6.87
C PHE A 66 -15.55 6.29 5.73
N ILE A 67 -16.86 6.27 5.95
CA ILE A 67 -17.80 6.65 4.91
C ILE A 67 -17.63 8.11 4.50
N GLU A 68 -17.40 9.00 5.48
CA GLU A 68 -17.16 10.39 5.17
C GLU A 68 -15.89 10.53 4.33
N GLU A 69 -14.87 9.74 4.68
CA GLU A 69 -13.60 9.81 3.99
C GLU A 69 -13.70 9.18 2.59
N ALA A 70 -14.59 8.19 2.42
CA ALA A 70 -14.79 7.59 1.10
C ALA A 70 -15.16 8.65 0.07
N LYS A 71 -15.85 9.72 0.50
CA LYS A 71 -16.23 10.79 -0.40
C LYS A 71 -15.01 11.46 -1.01
N VAL A 72 -13.96 11.64 -0.19
CA VAL A 72 -12.68 12.21 -0.61
C VAL A 72 -11.91 11.22 -1.46
N MET A 73 -11.90 9.95 -1.03
CA MET A 73 -11.09 8.93 -1.68
C MET A 73 -11.60 8.67 -3.10
N MET A 74 -12.88 8.93 -3.34
CA MET A 74 -13.45 8.68 -4.65
C MET A 74 -13.01 9.70 -5.69
N ASN A 75 -12.51 10.84 -5.21
CA ASN A 75 -11.98 11.86 -6.10
C ASN A 75 -10.48 11.66 -6.36
N LEU A 76 -9.84 10.68 -5.72
CA LEU A 76 -8.44 10.40 -5.98
C LEU A 76 -8.36 9.43 -7.14
N SER A 77 -7.98 9.94 -8.31
CA SER A 77 -7.99 9.13 -9.51
C SER A 77 -6.62 9.30 -10.16
N HIS A 78 -5.95 8.18 -10.26
CA HIS A 78 -4.65 8.07 -10.87
C HIS A 78 -4.56 6.63 -11.35
N GLU A 79 -3.94 6.45 -12.50
CA GLU A 79 -3.88 5.13 -13.10
C GLU A 79 -3.06 4.14 -12.27
N LYS A 80 -2.23 4.59 -11.30
CA LYS A 80 -1.46 3.66 -10.48
C LYS A 80 -2.01 3.55 -9.07
N LEU A 81 -3.23 4.09 -8.84
CA LEU A 81 -3.95 3.98 -7.58
C LEU A 81 -5.15 3.06 -7.80
N VAL A 82 -5.34 2.06 -6.94
CA VAL A 82 -6.50 1.18 -7.08
C VAL A 82 -7.75 2.04 -6.82
N GLN A 83 -8.68 2.09 -7.79
CA GLN A 83 -9.80 3.03 -7.68
C GLN A 83 -10.85 2.53 -6.69
N LEU A 84 -11.37 3.44 -5.86
CA LEU A 84 -12.55 3.16 -5.05
C LEU A 84 -13.78 3.52 -5.89
N TYR A 85 -14.68 2.56 -6.08
CA TYR A 85 -15.87 2.79 -6.89
C TYR A 85 -17.07 3.21 -6.04
N GLY A 86 -17.08 2.82 -4.77
CA GLY A 86 -18.12 3.25 -3.84
C GLY A 86 -18.27 2.27 -2.69
N VAL A 87 -19.29 2.48 -1.84
CA VAL A 87 -19.49 1.71 -0.63
C VAL A 87 -20.97 1.29 -0.58
N CYS A 88 -21.21 0.08 -0.09
CA CYS A 88 -22.58 -0.35 0.17
C CYS A 88 -22.82 -0.14 1.67
N THR A 89 -23.61 0.90 1.99
CA THR A 89 -23.77 1.45 3.33
C THR A 89 -25.12 1.03 3.93
N LYS A 90 -25.33 1.33 5.23
CA LYS A 90 -26.64 1.08 5.85
C LYS A 90 -27.09 -0.37 5.65
N GLN A 91 -26.14 -1.29 5.81
CA GLN A 91 -26.40 -2.72 5.83
C GLN A 91 -25.31 -3.34 6.70
N ARG A 92 -25.50 -4.58 7.14
CA ARG A 92 -24.48 -5.24 7.94
C ARG A 92 -24.12 -6.56 7.27
N PRO A 93 -22.85 -6.79 6.87
CA PRO A 93 -21.79 -5.78 6.95
C PRO A 93 -21.80 -4.80 5.77
N ILE A 94 -21.09 -3.66 5.89
CA ILE A 94 -20.91 -2.78 4.74
C ILE A 94 -19.93 -3.41 3.75
N PHE A 95 -20.04 -3.00 2.48
CA PHE A 95 -19.10 -3.45 1.46
C PHE A 95 -18.32 -2.27 0.90
N ILE A 96 -17.03 -2.49 0.59
CA ILE A 96 -16.23 -1.50 -0.13
C ILE A 96 -15.96 -2.09 -1.52
N ILE A 97 -16.26 -1.33 -2.57
CA ILE A 97 -16.19 -1.83 -3.95
C ILE A 97 -15.01 -1.12 -4.63
N THR A 98 -14.07 -1.91 -5.17
CA THR A 98 -12.84 -1.35 -5.73
C THR A 98 -12.49 -2.00 -7.07
N GLU A 99 -11.54 -1.35 -7.75
CA GLU A 99 -10.99 -1.85 -9.00
C GLU A 99 -10.39 -3.24 -8.76
N TYR A 100 -10.75 -4.20 -9.62
CA TYR A 100 -10.30 -5.58 -9.48
C TYR A 100 -8.89 -5.72 -10.04
N MET A 101 -8.02 -6.38 -9.26
CA MET A 101 -6.63 -6.55 -9.64
C MET A 101 -6.30 -8.05 -9.72
N ALA A 102 -6.35 -8.61 -10.95
CA ALA A 102 -6.47 -10.06 -11.06
C ALA A 102 -5.27 -10.85 -10.53
N ASN A 103 -4.09 -10.21 -10.47
CA ASN A 103 -2.91 -10.95 -10.04
C ASN A 103 -2.63 -10.82 -8.53
N GLY A 104 -3.50 -10.14 -7.80
CA GLY A 104 -3.52 -10.19 -6.34
C GLY A 104 -2.45 -9.32 -5.68
N CYS A 105 -2.09 -9.68 -4.45
CA CYS A 105 -1.23 -8.84 -3.65
C CYS A 105 0.22 -8.91 -4.16
N LEU A 106 0.88 -7.74 -4.18
CA LEU A 106 2.27 -7.64 -4.66
C LEU A 106 3.19 -8.55 -3.84
N LEU A 107 2.99 -8.64 -2.52
CA LEU A 107 3.92 -9.41 -1.70
C LEU A 107 3.92 -10.88 -2.17
N ASN A 108 2.72 -11.45 -2.35
CA ASN A 108 2.64 -12.83 -2.80
C ASN A 108 3.21 -13.00 -4.20
N TYR A 109 3.01 -11.99 -5.07
CA TYR A 109 3.47 -12.04 -6.45
C TYR A 109 5.00 -12.08 -6.49
N LEU A 110 5.63 -11.24 -5.67
CA LEU A 110 7.10 -11.19 -5.63
C LEU A 110 7.69 -12.52 -5.18
N ARG A 111 6.96 -13.21 -4.28
CA ARG A 111 7.46 -14.44 -3.65
C ARG A 111 7.36 -15.66 -4.56
N GLU A 112 6.55 -15.56 -5.62
CA GLU A 112 6.40 -16.63 -6.61
CA GLU A 112 6.44 -16.65 -6.59
C GLU A 112 7.65 -16.65 -7.51
N MET A 113 8.56 -17.61 -7.29
CA MET A 113 9.83 -17.63 -7.99
C MET A 113 9.66 -17.99 -9.48
N ARG A 114 8.51 -18.56 -9.86
CA ARG A 114 8.31 -18.93 -11.26
C ARG A 114 8.39 -17.71 -12.19
N HIS A 115 8.07 -16.51 -11.67
CA HIS A 115 8.03 -15.34 -12.55
C HIS A 115 9.40 -15.02 -13.14
N ARG A 116 10.47 -15.38 -12.41
CA ARG A 116 11.83 -15.21 -12.92
C ARG A 116 12.03 -13.75 -13.35
N PHE A 117 11.76 -12.80 -12.44
CA PHE A 117 11.74 -11.40 -12.83
C PHE A 117 13.10 -10.90 -13.31
N GLN A 118 13.09 -10.05 -14.34
CA GLN A 118 14.26 -9.23 -14.66
C GLN A 118 14.29 -8.01 -13.74
N THR A 119 15.48 -7.46 -13.52
CA THR A 119 15.54 -6.26 -12.69
C THR A 119 14.82 -5.08 -13.34
N GLN A 120 14.69 -5.06 -14.68
CA GLN A 120 13.93 -3.99 -15.32
C GLN A 120 12.45 -4.07 -14.90
N GLN A 121 11.94 -5.28 -14.66
CA GLN A 121 10.56 -5.40 -14.23
C GLN A 121 10.43 -4.89 -12.79
N LEU A 122 11.45 -5.17 -11.96
CA LEU A 122 11.41 -4.76 -10.57
C LEU A 122 11.43 -3.23 -10.47
N LEU A 123 12.26 -2.58 -11.31
CA LEU A 123 12.31 -1.12 -11.30
C LEU A 123 10.98 -0.52 -11.78
N GLU A 124 10.32 -1.19 -12.73
CA GLU A 124 9.03 -0.74 -13.21
C GLU A 124 7.97 -0.80 -12.12
N MET A 125 8.04 -1.83 -11.26
CA MET A 125 7.12 -1.91 -10.14
C MET A 125 7.36 -0.72 -9.20
N CYS A 126 8.65 -0.42 -8.91
CA CYS A 126 8.97 0.76 -8.08
C CYS A 126 8.42 2.05 -8.69
N LYS A 127 8.54 2.18 -10.02
CA LYS A 127 8.10 3.39 -10.72
C LYS A 127 6.58 3.52 -10.61
N ASP A 128 5.86 2.40 -10.80
CA ASP A 128 4.39 2.39 -10.68
C ASP A 128 3.98 2.95 -9.31
N VAL A 129 4.57 2.39 -8.24
CA VAL A 129 4.26 2.83 -6.89
C VAL A 129 4.61 4.31 -6.71
N CYS A 130 5.80 4.69 -7.22
CA CYS A 130 6.27 6.06 -7.05
C CYS A 130 5.33 7.07 -7.72
N GLU A 131 4.79 6.71 -8.90
CA GLU A 131 3.85 7.59 -9.57
C GLU A 131 2.58 7.78 -8.73
N ALA A 132 2.06 6.68 -8.15
CA ALA A 132 0.88 6.77 -7.31
C ALA A 132 1.15 7.69 -6.13
N MET A 133 2.32 7.49 -5.51
CA MET A 133 2.67 8.25 -4.31
C MET A 133 2.92 9.73 -4.62
N GLU A 134 3.50 10.05 -5.78
CA GLU A 134 3.72 11.44 -6.15
C GLU A 134 2.35 12.12 -6.29
N TYR A 135 1.38 11.40 -6.84
CA TYR A 135 0.02 11.90 -6.96
C TYR A 135 -0.58 12.13 -5.58
N LEU A 136 -0.50 11.14 -4.70
CA LEU A 136 -1.04 11.34 -3.36
C LEU A 136 -0.35 12.53 -2.68
N GLU A 137 0.99 12.65 -2.84
CA GLU A 137 1.72 13.74 -2.18
C GLU A 137 1.22 15.09 -2.74
N SER A 138 0.84 15.11 -4.02
CA SER A 138 0.39 16.35 -4.65
C SER A 138 -0.96 16.76 -4.09
N LYS A 139 -1.72 15.80 -3.54
CA LYS A 139 -3.02 16.05 -2.95
C LYS A 139 -2.90 16.14 -1.42
N GLN A 140 -1.68 16.14 -0.88
CA GLN A 140 -1.42 16.20 0.56
C GLN A 140 -2.15 15.05 1.26
N PHE A 141 -2.18 13.89 0.60
CA PHE A 141 -2.84 12.72 1.18
C PHE A 141 -1.79 11.69 1.58
N LEU A 142 -1.68 11.36 2.87
CA LEU A 142 -0.70 10.35 3.28
C LEU A 142 -1.28 8.95 3.13
N HIS A 143 -0.42 8.00 2.72
CA HIS A 143 -0.91 6.63 2.72
C HIS A 143 -1.05 6.11 4.15
N ARG A 144 0.01 6.28 4.94
CA ARG A 144 0.10 5.91 6.36
C ARG A 144 0.41 4.42 6.60
N ASP A 145 0.36 3.55 5.59
CA ASP A 145 0.76 2.16 5.78
C ASP A 145 1.28 1.57 4.45
N LEU A 146 2.22 2.27 3.82
CA LEU A 146 2.76 1.83 2.54
C LEU A 146 3.69 0.63 2.79
N ALA A 147 3.47 -0.42 1.99
CA ALA A 147 4.17 -1.71 2.10
C ALA A 147 3.74 -2.59 0.95
N ALA A 148 4.52 -3.65 0.67
CA ALA A 148 4.15 -4.48 -0.47
C ALA A 148 2.80 -5.14 -0.25
N ARG A 149 2.46 -5.43 1.03
CA ARG A 149 1.21 -6.10 1.36
C ARG A 149 0.01 -5.22 0.98
N ASN A 150 0.23 -3.91 0.78
CA ASN A 150 -0.83 -2.97 0.43
C ASN A 150 -0.78 -2.53 -1.03
N CYS A 151 -0.05 -3.27 -1.87
CA CYS A 151 -0.05 -3.02 -3.31
C CYS A 151 -0.64 -4.26 -3.99
N LEU A 152 -1.30 -4.03 -5.14
CA LEU A 152 -1.93 -5.11 -5.91
C LEU A 152 -1.37 -5.09 -7.33
N VAL A 153 -1.62 -6.18 -8.08
CA VAL A 153 -1.06 -6.36 -9.42
C VAL A 153 -2.21 -6.74 -10.36
N ASN A 154 -2.36 -6.02 -11.48
CA ASN A 154 -3.43 -6.36 -12.41
C ASN A 154 -3.01 -7.45 -13.40
N ASP A 155 -3.93 -7.80 -14.31
CA ASP A 155 -3.69 -8.84 -15.31
C ASP A 155 -2.61 -8.48 -16.33
N GLN A 156 -2.17 -7.21 -16.38
CA GLN A 156 -1.13 -6.77 -17.28
C GLN A 156 0.21 -6.66 -16.53
N GLY A 157 0.21 -7.00 -15.23
CA GLY A 157 1.43 -6.92 -14.46
C GLY A 157 1.73 -5.53 -13.88
N VAL A 158 0.78 -4.59 -14.01
CA VAL A 158 0.92 -3.25 -13.48
C VAL A 158 0.66 -3.27 -11.98
N VAL A 159 1.54 -2.60 -11.21
CA VAL A 159 1.38 -2.52 -9.77
C VAL A 159 0.64 -1.23 -9.44
N LYS A 160 -0.34 -1.33 -8.55
CA LYS A 160 -1.05 -0.15 -8.07
C LYS A 160 -1.11 -0.15 -6.55
N VAL A 161 -1.22 1.06 -5.99
CA VAL A 161 -1.25 1.23 -4.56
C VAL A 161 -2.69 1.15 -4.05
N SER A 162 -2.92 0.38 -2.98
CA SER A 162 -4.24 0.09 -2.44
CA SER A 162 -4.27 0.20 -2.47
C SER A 162 -4.35 0.58 -0.99
N ASP A 163 -5.59 0.74 -0.52
CA ASP A 163 -5.90 0.92 0.89
C ASP A 163 -5.26 2.17 1.49
N PHE A 164 -5.04 3.18 0.64
CA PHE A 164 -4.40 4.41 1.10
C PHE A 164 -5.28 5.08 2.15
N GLY A 165 -4.65 5.39 3.29
CA GLY A 165 -5.32 6.10 4.38
C GLY A 165 -6.22 5.21 5.25
N LEU A 166 -6.42 3.93 4.90
CA LEU A 166 -7.43 3.12 5.60
C LEU A 166 -7.06 2.79 7.05
N SER A 167 -5.76 2.87 7.39
CA SER A 167 -5.35 2.49 8.72
C SER A 167 -6.00 3.42 9.76
N ARG A 168 -6.44 4.61 9.33
CA ARG A 168 -7.02 5.58 10.26
C ARG A 168 -8.35 5.07 10.84
N TYR A 169 -8.94 4.04 10.20
CA TYR A 169 -10.30 3.61 10.55
C TYR A 169 -10.30 2.23 11.19
N VAL A 170 -9.10 1.70 11.49
CA VAL A 170 -8.98 0.36 12.04
C VAL A 170 -9.18 0.44 13.54
N LEU A 171 -10.09 -0.37 14.09
CA LEU A 171 -10.41 -0.26 15.51
C LEU A 171 -9.53 -1.16 16.37
N ASP A 172 -8.88 -2.16 15.75
CA ASP A 172 -8.03 -3.07 16.49
C ASP A 172 -6.77 -2.33 16.98
N ASP A 173 -6.68 -2.11 18.30
CA ASP A 173 -5.60 -1.32 18.90
C ASP A 173 -4.23 -1.99 18.69
N GLU A 174 -4.21 -3.30 18.42
CA GLU A 174 -2.96 -4.00 18.16
C GLU A 174 -2.30 -3.44 16.90
N TYR A 175 -3.09 -2.84 16.01
CA TYR A 175 -2.58 -2.35 14.73
C TYR A 175 -2.17 -0.88 14.81
N THR A 176 -2.70 -0.15 15.80
CA THR A 176 -2.69 1.30 15.69
C THR A 176 -1.71 1.93 16.69
N SER A 177 -1.43 1.20 17.78
CA SER A 177 -0.43 1.60 18.76
C SER A 177 0.94 1.19 18.26
N SER A 178 1.91 2.10 18.36
CA SER A 178 3.27 1.86 17.91
C SER A 178 3.86 0.65 18.65
N VAL A 179 3.28 0.33 19.81
CA VAL A 179 3.74 -0.76 20.65
C VAL A 179 2.87 -2.00 20.42
N GLY A 180 1.77 -1.82 19.68
CA GLY A 180 0.89 -2.94 19.35
C GLY A 180 1.61 -3.99 18.51
N SER A 181 1.18 -5.24 18.66
CA SER A 181 1.83 -6.39 18.06
C SER A 181 1.71 -6.39 16.54
N LYS A 182 0.79 -5.58 16.01
CA LYS A 182 0.52 -5.59 14.57
C LYS A 182 0.83 -4.24 13.95
N PHE A 183 1.54 -3.38 14.70
CA PHE A 183 1.99 -2.11 14.15
C PHE A 183 3.08 -2.35 13.10
N PRO A 184 3.15 -1.56 12.00
CA PRO A 184 4.16 -1.76 10.95
C PRO A 184 5.52 -1.15 11.29
N VAL A 185 6.12 -1.71 12.34
CA VAL A 185 7.41 -1.28 12.86
C VAL A 185 8.46 -1.27 11.73
N ARG A 186 8.46 -2.34 10.92
CA ARG A 186 9.55 -2.54 9.97
C ARG A 186 9.42 -1.58 8.78
N TRP A 187 8.31 -0.80 8.68
CA TRP A 187 8.15 0.18 7.60
C TRP A 187 8.16 1.61 8.18
N SER A 188 8.59 1.78 9.44
CA SER A 188 8.44 3.06 10.14
C SER A 188 9.76 3.77 10.37
N PRO A 189 9.84 5.10 10.15
CA PRO A 189 11.06 5.84 10.48
C PRO A 189 11.22 6.02 11.99
N PRO A 190 12.42 6.43 12.47
CA PRO A 190 12.64 6.66 13.90
C PRO A 190 11.62 7.60 14.54
N GLU A 191 11.25 8.70 13.85
CA GLU A 191 10.36 9.67 14.50
C GLU A 191 8.96 9.11 14.71
N VAL A 192 8.53 8.11 13.93
CA VAL A 192 7.26 7.43 14.14
C VAL A 192 7.38 6.52 15.36
N LEU A 193 8.46 5.72 15.40
CA LEU A 193 8.63 4.76 16.49
C LEU A 193 8.84 5.47 17.81
N MET A 194 9.49 6.65 17.78
CA MET A 194 9.84 7.33 19.01
C MET A 194 8.72 8.22 19.51
N TYR A 195 8.03 8.94 18.62
CA TYR A 195 7.12 9.97 19.10
C TYR A 195 5.86 10.09 18.23
N SER A 196 5.57 9.10 17.34
CA SER A 196 4.35 9.09 16.54
C SER A 196 4.28 10.29 15.59
N LYS A 197 5.42 10.74 15.04
CA LYS A 197 5.42 11.86 14.11
C LYS A 197 5.24 11.35 12.66
N PHE A 198 3.99 11.30 12.22
CA PHE A 198 3.66 10.96 10.84
C PHE A 198 3.75 12.20 9.95
N SER A 199 4.24 12.02 8.71
CA SER A 199 4.35 13.11 7.75
C SER A 199 4.54 12.52 6.35
N SER A 200 4.65 13.41 5.36
CA SER A 200 5.07 12.98 4.03
C SER A 200 6.34 12.14 4.11
N LYS A 201 7.24 12.49 5.04
CA LYS A 201 8.55 11.84 5.12
C LYS A 201 8.48 10.46 5.76
N SER A 202 7.37 10.13 6.45
CA SER A 202 7.20 8.76 6.92
C SER A 202 6.70 7.85 5.79
N ASP A 203 5.93 8.42 4.86
CA ASP A 203 5.59 7.73 3.62
C ASP A 203 6.85 7.48 2.77
N ILE A 204 7.74 8.49 2.71
CA ILE A 204 9.00 8.32 1.99
C ILE A 204 9.82 7.16 2.55
N TRP A 205 9.93 7.09 3.89
CA TRP A 205 10.68 6.01 4.53
C TRP A 205 10.11 4.64 4.12
N ALA A 206 8.78 4.52 4.24
CA ALA A 206 8.06 3.30 3.89
C ALA A 206 8.29 2.93 2.44
N PHE A 207 8.33 3.93 1.55
CA PHE A 207 8.56 3.64 0.14
C PHE A 207 9.94 3.00 -0.06
N GLY A 208 10.97 3.54 0.63
CA GLY A 208 12.30 2.92 0.60
C GLY A 208 12.27 1.45 1.01
N VAL A 209 11.54 1.16 2.09
CA VAL A 209 11.42 -0.22 2.55
C VAL A 209 10.68 -1.05 1.48
N LEU A 210 9.66 -0.47 0.85
CA LEU A 210 8.96 -1.20 -0.22
CA LEU A 210 8.95 -1.18 -0.22
C LEU A 210 9.90 -1.50 -1.39
N MET A 211 10.76 -0.53 -1.79
CA MET A 211 11.72 -0.84 -2.89
C MET A 211 12.59 -2.01 -2.43
N TRP A 212 13.02 -2.04 -1.15
CA TRP A 212 13.82 -3.13 -0.62
C TRP A 212 13.05 -4.46 -0.72
N GLU A 213 11.75 -4.45 -0.40
CA GLU A 213 10.93 -5.67 -0.49
C GLU A 213 10.89 -6.17 -1.94
N ILE A 214 10.71 -5.23 -2.88
CA ILE A 214 10.62 -5.62 -4.31
C ILE A 214 11.95 -6.23 -4.77
N TYR A 215 13.08 -5.55 -4.47
CA TYR A 215 14.36 -6.08 -4.92
C TYR A 215 14.78 -7.34 -4.17
N SER A 216 14.16 -7.59 -3.00
CA SER A 216 14.43 -8.79 -2.22
C SER A 216 13.44 -9.91 -2.54
N LEU A 217 12.60 -9.74 -3.58
CA LEU A 217 11.60 -10.73 -3.98
C LEU A 217 10.72 -11.12 -2.79
N GLY A 218 10.35 -10.12 -1.98
CA GLY A 218 9.34 -10.33 -0.95
C GLY A 218 9.85 -10.86 0.38
N LYS A 219 11.18 -10.80 0.61
CA LYS A 219 11.66 -11.09 1.96
C LYS A 219 11.07 -10.11 2.97
N MET A 220 10.95 -10.55 4.23
CA MET A 220 10.51 -9.66 5.29
C MET A 220 11.68 -8.71 5.65
N PRO A 221 11.47 -7.38 5.71
CA PRO A 221 12.56 -6.51 6.15
C PRO A 221 13.04 -6.90 7.56
N TYR A 222 14.36 -6.84 7.78
CA TYR A 222 14.97 -7.17 9.07
C TYR A 222 14.58 -8.58 9.49
N GLU A 223 14.63 -9.55 8.55
CA GLU A 223 13.96 -10.83 8.74
C GLU A 223 14.49 -11.61 9.96
N ARG A 224 15.72 -11.33 10.41
CA ARG A 224 16.27 -12.09 11.55
C ARG A 224 15.97 -11.46 12.91
N PHE A 225 15.37 -10.26 12.89
CA PHE A 225 15.12 -9.48 14.10
C PHE A 225 13.63 -9.50 14.44
N THR A 226 13.36 -9.36 15.76
CA THR A 226 11.98 -9.08 16.20
C THR A 226 11.66 -7.61 15.91
N ASN A 227 10.39 -7.22 16.12
CA ASN A 227 10.01 -5.81 16.01
C ASN A 227 10.78 -4.93 17.01
N SER A 228 10.91 -5.40 18.25
CA SER A 228 11.66 -4.64 19.25
C SER A 228 13.12 -4.44 18.83
N GLU A 229 13.75 -5.50 18.30
CA GLU A 229 15.12 -5.41 17.84
C GLU A 229 15.24 -4.44 16.65
N THR A 230 14.26 -4.48 15.74
CA THR A 230 14.26 -3.62 14.58
C THR A 230 14.22 -2.16 15.02
N ALA A 231 13.36 -1.86 15.99
CA ALA A 231 13.20 -0.49 16.44
C ALA A 231 14.52 0.01 17.05
N GLU A 232 15.17 -0.82 17.86
CA GLU A 232 16.47 -0.46 18.41
C GLU A 232 17.52 -0.23 17.33
N HIS A 233 17.56 -1.12 16.32
CA HIS A 233 18.52 -1.05 15.23
C HIS A 233 18.38 0.28 14.50
N ILE A 234 17.15 0.60 14.11
CA ILE A 234 16.85 1.81 13.34
C ILE A 234 17.11 3.05 14.18
N ALA A 235 16.74 3.01 15.45
CA ALA A 235 16.82 4.23 16.25
C ALA A 235 18.29 4.58 16.49
N GLN A 236 19.17 3.57 16.49
CA GLN A 236 20.62 3.70 16.62
C GLN A 236 21.31 4.05 15.30
N GLY A 237 20.53 4.22 14.23
CA GLY A 237 21.08 4.75 12.98
C GLY A 237 21.45 3.67 11.95
N LEU A 238 21.21 2.38 12.26
CA LEU A 238 21.53 1.32 11.32
C LEU A 238 20.32 1.03 10.42
N ARG A 239 20.58 0.34 9.30
CA ARG A 239 19.58 0.28 8.25
C ARG A 239 19.58 -1.11 7.61
N LEU A 240 18.59 -1.35 6.76
CA LEU A 240 18.65 -2.45 5.80
C LEU A 240 19.88 -2.29 4.92
N TYR A 241 20.32 -3.40 4.32
CA TYR A 241 21.43 -3.26 3.38
C TYR A 241 21.03 -3.77 2.00
N ARG A 242 21.97 -3.75 1.05
CA ARG A 242 21.64 -3.82 -0.37
C ARG A 242 21.14 -5.22 -0.76
N PRO A 243 19.91 -5.36 -1.32
CA PRO A 243 19.49 -6.63 -1.92
C PRO A 243 20.41 -7.01 -3.09
N HIS A 244 20.69 -8.30 -3.23
CA HIS A 244 21.59 -8.73 -4.29
C HIS A 244 21.15 -8.24 -5.70
N LEU A 245 19.83 -8.11 -5.94
CA LEU A 245 19.36 -7.74 -7.26
C LEU A 245 19.39 -6.23 -7.49
N ALA A 246 19.66 -5.42 -6.45
CA ALA A 246 19.70 -3.97 -6.63
C ALA A 246 21.10 -3.54 -7.08
N SER A 247 21.16 -2.77 -8.17
CA SER A 247 22.42 -2.13 -8.56
C SER A 247 22.80 -1.07 -7.53
N GLU A 248 24.03 -0.54 -7.66
CA GLU A 248 24.45 0.51 -6.73
C GLU A 248 23.51 1.71 -6.86
N LYS A 249 23.09 2.06 -8.08
CA LYS A 249 22.25 3.25 -8.24
C LYS A 249 20.88 3.02 -7.64
N VAL A 250 20.33 1.80 -7.76
CA VAL A 250 19.04 1.50 -7.15
C VAL A 250 19.14 1.54 -5.63
N TYR A 251 20.22 0.96 -5.11
CA TYR A 251 20.43 0.98 -3.67
C TYR A 251 20.53 2.41 -3.13
N THR A 252 21.21 3.29 -3.87
CA THR A 252 21.32 4.68 -3.47
C THR A 252 19.94 5.33 -3.35
N ILE A 253 19.04 5.02 -4.28
CA ILE A 253 17.69 5.56 -4.21
C ILE A 253 16.98 5.09 -2.94
N MET A 254 16.94 3.76 -2.70
CA MET A 254 16.18 3.29 -1.55
C MET A 254 16.77 3.82 -0.25
N TYR A 255 18.12 3.85 -0.20
CA TYR A 255 18.85 4.30 0.99
C TYR A 255 18.57 5.78 1.30
N SER A 256 18.37 6.60 0.26
CA SER A 256 18.09 8.02 0.45
C SER A 256 16.79 8.24 1.22
N CYS A 257 15.86 7.27 1.17
CA CYS A 257 14.60 7.35 1.88
C CYS A 257 14.78 7.17 3.39
N TRP A 258 15.99 6.81 3.86
CA TRP A 258 16.17 6.43 5.26
C TRP A 258 17.05 7.41 6.02
N HIS A 259 17.23 8.65 5.53
CA HIS A 259 17.99 9.62 6.32
C HIS A 259 17.36 9.75 7.71
N GLU A 260 18.20 9.77 8.76
CA GLU A 260 17.70 9.95 10.10
C GLU A 260 16.92 11.27 10.19
N LYS A 261 17.41 12.34 9.58
CA LYS A 261 16.65 13.59 9.59
C LYS A 261 15.59 13.58 8.49
N ALA A 262 14.32 13.66 8.89
CA ALA A 262 13.23 13.52 7.94
C ALA A 262 13.34 14.56 6.82
N ASP A 263 13.81 15.78 7.13
CA ASP A 263 13.79 16.82 6.10
C ASP A 263 14.90 16.62 5.06
N GLU A 264 15.79 15.66 5.28
CA GLU A 264 16.83 15.36 4.31
C GLU A 264 16.41 14.25 3.36
N ARG A 265 15.24 13.65 3.61
CA ARG A 265 14.72 12.63 2.72
C ARG A 265 14.11 13.31 1.49
N PRO A 266 14.17 12.66 0.31
CA PRO A 266 13.59 13.25 -0.91
C PRO A 266 12.06 13.31 -0.86
N THR A 267 11.49 14.02 -1.85
CA THR A 267 10.06 13.95 -2.15
C THR A 267 9.82 12.85 -3.18
N PHE A 268 8.54 12.48 -3.36
CA PHE A 268 8.20 11.49 -4.38
C PHE A 268 8.52 12.02 -5.78
N LYS A 269 8.41 13.32 -6.00
CA LYS A 269 8.79 13.85 -7.30
C LYS A 269 10.28 13.58 -7.59
N ILE A 270 11.15 13.85 -6.61
CA ILE A 270 12.58 13.62 -6.77
C ILE A 270 12.87 12.12 -6.94
N LEU A 271 12.21 11.27 -6.13
CA LEU A 271 12.42 9.84 -6.28
C LEU A 271 12.02 9.38 -7.68
N LEU A 272 10.91 9.93 -8.21
CA LEU A 272 10.46 9.50 -9.53
C LEU A 272 11.50 9.85 -10.61
N SER A 273 12.01 11.08 -10.53
CA SER A 273 13.07 11.51 -11.42
C SER A 273 14.29 10.59 -11.32
N ASN A 274 14.66 10.23 -10.09
CA ASN A 274 15.82 9.37 -9.89
C ASN A 274 15.58 7.98 -10.49
N ILE A 275 14.37 7.46 -10.32
CA ILE A 275 14.03 6.15 -10.86
C ILE A 275 14.05 6.19 -12.39
N LEU A 276 13.49 7.23 -12.98
CA LEU A 276 13.53 7.34 -14.44
C LEU A 276 14.95 7.50 -14.96
N ASP A 277 15.81 8.22 -14.22
CA ASP A 277 17.22 8.30 -14.63
C ASP A 277 17.83 6.89 -14.70
N VAL A 278 17.57 6.08 -13.68
CA VAL A 278 18.18 4.76 -13.61
C VAL A 278 17.62 3.87 -14.72
N MET A 279 16.32 4.04 -15.04
CA MET A 279 15.73 3.27 -16.11
C MET A 279 16.43 3.58 -17.43
N ASP A 280 16.73 4.87 -17.64
CA ASP A 280 17.44 5.26 -18.87
C ASP A 280 18.85 4.69 -18.88
N GLU A 281 19.52 4.66 -17.71
CA GLU A 281 20.94 4.34 -17.66
C GLU A 281 21.16 2.82 -17.66
N GLU A 282 20.17 2.04 -17.20
CA GLU A 282 20.38 0.63 -16.87
C GLU A 282 19.35 -0.27 -17.59
N1 IMD B . 10.89 -12.79 10.80
C2 IMD B . 9.69 -13.37 10.62
N3 IMD B . 8.83 -12.80 11.45
C4 IMD B . 9.45 -11.73 12.08
C5 IMD B . 10.70 -11.66 11.59
C1 EDO C . 20.10 -9.15 2.77
O1 EDO C . 18.79 -9.68 2.72
C2 EDO C . 19.94 -7.71 3.00
O2 EDO C . 19.87 -7.06 1.78
S DMS D . -24.13 -14.97 -7.29
O DMS D . -23.62 -15.15 -8.70
C1 DMS D . -25.85 -15.43 -7.37
C2 DMS D . -24.29 -13.23 -7.04
N3 0UW E . -8.42 -6.40 -4.06
C4 0UW E . -8.22 -7.19 -5.13
C8 0UW E . -7.76 -8.54 -5.04
C10 0UW E . -6.98 -10.32 -3.72
C13 0UW E . -7.56 -9.27 -6.22
O1 0UW E . -9.13 -4.13 -3.83
C2 0UW E . -8.82 -5.23 -4.53
N5 0UW E . -8.51 -6.57 -6.27
N6 0UW E . -8.88 -5.26 -5.90
C9 0UW E . -7.46 -9.02 -3.76
C11 0UW E . -6.82 -11.07 -4.89
C12 0UW E . -7.12 -10.58 -6.17
#